data_1CJM
#
_entry.id   1CJM
#
_cell.length_a   56.400
_cell.length_b   56.400
_cell.length_c   191.100
_cell.angle_alpha   90.00
_cell.angle_beta   90.00
_cell.angle_gamma   120.00
#
_symmetry.space_group_name_H-M   'P 32 2 1'
#
loop_
_entity.id
_entity.type
_entity.pdbx_description
1 polymer 'PROTEIN (ARYL SULFOTRANSFERASE)'
2 non-polymer 'SULFATE ION'
3 water water
#
_entity_poly.entity_id   1
_entity_poly.type   'polypeptide(L)'
_entity_poly.pdbx_seq_one_letter_code
;MELIQDTSRPPLEYVKGVPLIKYFAEALGPLQSFQARPDDLLINTYPKSGTTWVSQILDMIYQGGDLEKCNRAPIYVRVP
FLEVNDPGEPSGLETLKDTPPPRLIKSHLPLALLPQTLLDQKVKVVYVARNPKDVAVSYYHFHRMEKAHPEPGTWDSFLE
KFMAGEVSYGSWYQHVQEWWELSRTHPVLYLFYEDMKENPKREIQKILEFVGRSLPEETMDFMVQHTSFKEMKKNPMTNY
TTVPQELMDHSISPFMRKGMAGDWKTTFTVAQNERFDADYAEKMAGCSLSFRSEL
;
_entity_poly.pdbx_strand_id   A
#
# COMPACT_ATOMS: atom_id res chain seq x y z
N SER A 8 1.35 -9.37 21.31
CA SER A 8 1.44 -10.69 21.94
C SER A 8 1.21 -11.70 20.82
N ARG A 9 1.39 -11.14 19.62
CA ARG A 9 1.20 -11.79 18.32
C ARG A 9 -0.23 -12.30 18.13
N PRO A 10 -1.19 -11.35 18.13
CA PRO A 10 -2.63 -11.57 17.97
C PRO A 10 -2.98 -12.00 16.57
N PRO A 11 -4.11 -12.69 16.43
CA PRO A 11 -4.61 -13.19 15.14
C PRO A 11 -5.06 -12.04 14.27
N LEU A 12 -5.33 -12.35 13.01
CA LEU A 12 -5.81 -11.35 12.04
C LEU A 12 -7.31 -11.18 12.17
N GLU A 13 -7.76 -9.93 12.21
CA GLU A 13 -9.19 -9.61 12.29
C GLU A 13 -9.62 -9.18 10.89
N TYR A 14 -10.68 -9.81 10.37
CA TYR A 14 -11.17 -9.45 9.04
C TYR A 14 -12.20 -8.33 9.08
N VAL A 15 -12.08 -7.42 8.13
CA VAL A 15 -12.99 -6.27 8.00
C VAL A 15 -13.35 -6.21 6.52
N LYS A 16 -14.61 -6.53 6.22
CA LYS A 16 -15.12 -6.55 4.83
C LYS A 16 -14.43 -7.64 4.01
N GLY A 17 -14.06 -8.73 4.69
CA GLY A 17 -13.39 -9.84 4.04
C GLY A 17 -11.89 -9.69 3.88
N VAL A 18 -11.38 -8.52 4.26
CA VAL A 18 -9.93 -8.23 4.17
C VAL A 18 -9.26 -8.33 5.54
N PRO A 19 -8.21 -9.14 5.64
CA PRO A 19 -7.47 -9.34 6.89
C PRO A 19 -6.60 -8.15 7.24
N LEU A 20 -6.55 -7.83 8.53
CA LEU A 20 -5.76 -6.72 9.06
C LEU A 20 -5.42 -7.07 10.49
N ILE A 21 -4.46 -6.35 11.06
CA ILE A 21 -4.13 -6.60 12.46
C ILE A 21 -5.19 -5.87 13.30
N LYS A 22 -5.47 -6.42 14.47
CA LYS A 22 -6.48 -5.88 15.40
C LYS A 22 -6.51 -4.35 15.51
N TYR A 23 -5.35 -3.75 15.77
CA TYR A 23 -5.23 -2.29 15.92
C TYR A 23 -5.73 -1.48 14.72
N PHE A 24 -5.49 -1.97 13.51
CA PHE A 24 -5.93 -1.25 12.31
C PHE A 24 -7.44 -1.40 12.11
N ALA A 25 -7.97 -2.56 12.48
CA ALA A 25 -9.40 -2.84 12.36
C ALA A 25 -10.22 -1.89 13.24
N GLU A 26 -9.75 -1.67 14.46
CA GLU A 26 -10.43 -0.78 15.40
C GLU A 26 -10.51 0.62 14.80
N ALA A 27 -9.37 1.15 14.39
CA ALA A 27 -9.28 2.49 13.80
C ALA A 27 -10.09 2.61 12.51
N LEU A 28 -10.46 1.47 11.92
CA LEU A 28 -11.24 1.46 10.68
C LEU A 28 -12.72 1.75 10.97
N GLY A 29 -13.08 1.72 12.26
CA GLY A 29 -14.44 1.97 12.69
C GLY A 29 -14.88 3.43 12.60
N PRO A 30 -14.05 4.38 13.07
CA PRO A 30 -14.35 5.82 13.03
C PRO A 30 -13.93 6.43 11.69
N LEU A 31 -13.56 5.57 10.74
CA LEU A 31 -13.10 6.04 9.42
C LEU A 31 -14.21 6.57 8.53
N GLN A 32 -15.43 6.06 8.73
CA GLN A 32 -16.59 6.49 7.93
C GLN A 32 -17.12 7.86 8.35
N SER A 33 -16.33 8.57 9.17
CA SER A 33 -16.69 9.91 9.64
C SER A 33 -15.70 10.93 9.08
N PHE A 34 -14.89 10.48 8.14
CA PHE A 34 -13.88 11.33 7.49
C PHE A 34 -14.50 12.00 6.27
N GLN A 35 -14.15 13.25 6.03
CA GLN A 35 -14.66 13.99 4.88
C GLN A 35 -13.46 14.43 4.07
N ALA A 36 -13.40 13.99 2.82
CA ALA A 36 -12.27 14.33 1.95
C ALA A 36 -12.50 15.63 1.20
N ARG A 37 -11.48 16.45 1.18
CA ARG A 37 -11.53 17.73 0.47
C ARG A 37 -11.11 17.44 -0.97
N PRO A 38 -11.60 18.23 -1.92
CA PRO A 38 -11.28 18.05 -3.34
C PRO A 38 -9.77 18.21 -3.63
N ASP A 39 -9.07 18.95 -2.78
CA ASP A 39 -7.63 19.20 -2.94
C ASP A 39 -6.72 18.27 -2.15
N ASP A 40 -7.30 17.29 -1.47
CA ASP A 40 -6.53 16.33 -0.68
C ASP A 40 -5.62 15.52 -1.59
N LEU A 41 -4.70 14.79 -1.00
CA LEU A 41 -3.82 13.94 -1.78
C LEU A 41 -3.55 12.72 -0.95
N LEU A 42 -3.77 11.55 -1.56
CA LEU A 42 -3.57 10.29 -0.88
C LEU A 42 -2.43 9.51 -1.50
N ILE A 43 -1.54 9.04 -0.63
CA ILE A 43 -0.40 8.22 -1.04
C ILE A 43 -0.80 6.83 -0.58
N ASN A 44 -1.00 5.94 -1.54
CA ASN A 44 -1.42 4.57 -1.22
C ASN A 44 -0.56 3.53 -1.92
N THR A 45 -0.09 2.57 -1.13
CA THR A 45 0.73 1.45 -1.64
C THR A 45 0.52 0.30 -0.67
N TYR A 46 0.70 -0.92 -1.16
CA TYR A 46 0.58 -2.13 -0.34
C TYR A 46 1.75 -2.03 0.65
N PRO A 47 1.66 -2.70 1.80
CA PRO A 47 2.77 -2.64 2.75
C PRO A 47 4.12 -2.91 2.09
N LYS A 48 5.16 -2.21 2.53
CA LYS A 48 6.52 -2.37 1.99
C LYS A 48 6.59 -2.09 0.49
N SER A 49 5.82 -1.12 0.01
CA SER A 49 5.81 -0.81 -1.41
C SER A 49 6.11 0.64 -1.77
N GLY A 50 6.70 1.39 -0.85
CA GLY A 50 7.06 2.77 -1.12
C GLY A 50 6.21 3.89 -0.58
N THR A 51 5.37 3.60 0.42
CA THR A 51 4.51 4.63 1.02
C THR A 51 5.35 5.71 1.68
N THR A 52 6.22 5.30 2.60
CA THR A 52 7.09 6.25 3.31
C THR A 52 8.03 6.98 2.37
N TRP A 53 8.44 6.32 1.28
CA TRP A 53 9.34 6.94 0.31
C TRP A 53 8.62 8.09 -0.38
N VAL A 54 7.52 7.77 -1.06
CA VAL A 54 6.72 8.78 -1.78
C VAL A 54 6.20 9.88 -0.85
N SER A 55 5.72 9.50 0.33
CA SER A 55 5.21 10.47 1.31
C SER A 55 6.30 11.48 1.69
N GLN A 56 7.52 10.98 1.86
CA GLN A 56 8.64 11.84 2.22
C GLN A 56 8.92 12.87 1.13
N ILE A 57 8.82 12.44 -0.12
CA ILE A 57 9.05 13.33 -1.26
C ILE A 57 7.96 14.40 -1.35
N LEU A 58 6.71 13.95 -1.39
CA LEU A 58 5.57 14.87 -1.46
C LEU A 58 5.54 15.80 -0.25
N ASP A 59 6.10 15.34 0.86
CA ASP A 59 6.15 16.14 2.10
C ASP A 59 7.07 17.33 1.88
N MET A 60 8.11 17.13 1.08
CA MET A 60 9.08 18.19 0.78
C MET A 60 8.56 19.16 -0.28
N ILE A 61 7.83 18.63 -1.25
CA ILE A 61 7.28 19.47 -2.33
C ILE A 61 6.33 20.52 -1.73
N TYR A 62 5.39 20.06 -0.90
CA TYR A 62 4.41 20.96 -0.26
C TYR A 62 5.08 22.04 0.59
N GLN A 63 6.21 21.72 1.22
CA GLN A 63 6.94 22.70 2.04
C GLN A 63 7.93 23.47 1.15
N ARG A 78 3.17 17.20 8.02
CA ARG A 78 2.76 15.98 8.73
C ARG A 78 1.93 15.11 7.81
N VAL A 79 2.46 13.95 7.43
CA VAL A 79 1.69 13.03 6.57
C VAL A 79 1.18 11.93 7.49
N PRO A 80 -0.05 12.09 8.00
CA PRO A 80 -0.71 11.14 8.90
C PRO A 80 -1.17 9.87 8.20
N PHE A 81 -1.10 8.77 8.93
CA PHE A 81 -1.57 7.49 8.41
C PHE A 81 -3.08 7.53 8.54
N LEU A 82 -3.77 7.16 7.48
CA LEU A 82 -5.24 7.17 7.46
C LEU A 82 -5.90 6.16 8.40
N GLU A 83 -5.22 5.04 8.65
CA GLU A 83 -5.77 3.96 9.49
C GLU A 83 -5.09 3.75 10.84
N VAL A 84 -4.31 4.72 11.29
CA VAL A 84 -3.62 4.59 12.58
C VAL A 84 -4.26 5.45 13.67
N ASN A 85 -4.03 5.04 14.91
CA ASN A 85 -4.53 5.75 16.09
C ASN A 85 -3.52 5.45 17.19
N ASP A 86 -2.73 6.45 17.54
CA ASP A 86 -1.73 6.29 18.60
C ASP A 86 -2.46 6.58 19.91
N PRO A 87 -2.85 5.53 20.64
CA PRO A 87 -3.56 5.67 21.92
C PRO A 87 -2.85 6.66 22.83
N GLY A 88 -3.61 7.59 23.39
CA GLY A 88 -3.05 8.59 24.25
C GLY A 88 -2.62 9.82 23.48
N GLU A 89 -2.72 9.76 22.16
CA GLU A 89 -2.33 10.89 21.30
C GLU A 89 -3.33 11.26 20.19
N PRO A 90 -3.81 12.50 20.29
CA PRO A 90 -4.77 13.12 19.34
C PRO A 90 -5.72 12.19 18.58
N GLU A 94 -8.76 12.58 12.64
CA GLU A 94 -8.78 13.30 13.92
C GLU A 94 -7.94 14.57 13.85
N THR A 95 -6.64 14.41 13.65
CA THR A 95 -5.72 15.56 13.54
C THR A 95 -5.68 16.11 12.12
N LEU A 96 -6.06 15.26 11.16
CA LEU A 96 -6.10 15.63 9.75
C LEU A 96 -7.27 16.57 9.49
N LYS A 97 -8.40 16.29 10.15
CA LYS A 97 -9.60 17.11 10.03
C LYS A 97 -9.25 18.51 10.51
N ASP A 98 -8.35 18.57 11.48
CA ASP A 98 -7.88 19.84 12.06
C ASP A 98 -6.66 20.40 11.31
N THR A 99 -6.36 19.82 10.15
CA THR A 99 -5.20 20.25 9.35
C THR A 99 -5.54 21.18 8.18
N PRO A 100 -4.67 22.17 7.91
CA PRO A 100 -4.83 23.16 6.84
C PRO A 100 -4.59 22.57 5.45
N PRO A 101 -5.49 22.88 4.49
CA PRO A 101 -5.37 22.39 3.12
C PRO A 101 -4.17 23.05 2.44
N PRO A 102 -3.56 22.36 1.44
CA PRO A 102 -3.92 21.02 0.95
C PRO A 102 -3.35 19.95 1.87
N ARG A 103 -4.17 18.95 2.17
CA ARG A 103 -3.74 17.85 3.06
C ARG A 103 -3.07 16.68 2.36
N LEU A 104 -2.11 16.09 3.05
CA LEU A 104 -1.38 14.92 2.56
C LEU A 104 -1.82 13.75 3.45
N ILE A 105 -2.32 12.70 2.83
CA ILE A 105 -2.79 11.53 3.57
C ILE A 105 -2.11 10.28 3.02
N LYS A 106 -1.61 9.44 3.93
CA LYS A 106 -0.97 8.19 3.48
C LYS A 106 -1.70 7.00 4.07
N SER A 107 -1.72 5.90 3.33
CA SER A 107 -2.40 4.69 3.77
C SER A 107 -1.95 3.45 3.00
N HIS A 108 -2.20 2.27 3.59
CA HIS A 108 -1.87 0.99 2.96
C HIS A 108 -3.18 0.28 2.67
N LEU A 109 -4.28 0.91 3.10
CA LEU A 109 -5.62 0.36 2.93
C LEU A 109 -6.00 0.03 1.50
N PRO A 110 -6.58 -1.15 1.29
CA PRO A 110 -6.99 -1.58 -0.04
C PRO A 110 -8.22 -0.76 -0.47
N LEU A 111 -8.51 -0.77 -1.75
CA LEU A 111 -9.65 -0.04 -2.30
C LEU A 111 -10.95 -0.46 -1.62
N ALA A 112 -11.02 -1.72 -1.22
CA ALA A 112 -12.21 -2.27 -0.56
C ALA A 112 -12.49 -1.64 0.80
N LEU A 113 -11.44 -1.18 1.48
CA LEU A 113 -11.59 -0.58 2.82
C LEU A 113 -11.30 0.91 2.82
N LEU A 114 -11.08 1.48 1.64
CA LEU A 114 -10.78 2.91 1.56
C LEU A 114 -12.03 3.76 1.77
N PRO A 115 -11.93 4.83 2.56
CA PRO A 115 -13.05 5.75 2.84
C PRO A 115 -13.69 6.22 1.55
N GLN A 116 -14.99 6.01 1.44
CA GLN A 116 -15.78 6.37 0.24
C GLN A 116 -15.67 7.83 -0.19
N THR A 117 -15.54 8.72 0.78
CA THR A 117 -15.42 10.16 0.52
C THR A 117 -14.23 10.48 -0.39
N LEU A 118 -13.16 9.70 -0.26
CA LEU A 118 -11.95 9.86 -1.08
C LEU A 118 -12.22 9.61 -2.56
N LEU A 119 -13.03 8.59 -2.83
CA LEU A 119 -13.39 8.24 -4.21
C LEU A 119 -14.44 9.20 -4.75
N ASP A 120 -15.32 9.66 -3.86
CA ASP A 120 -16.39 10.59 -4.24
C ASP A 120 -15.84 11.91 -4.73
N GLN A 121 -15.04 12.56 -3.88
CA GLN A 121 -14.44 13.85 -4.23
C GLN A 121 -13.31 13.76 -5.26
N LYS A 122 -13.20 12.61 -5.91
CA LYS A 122 -12.18 12.36 -6.94
C LYS A 122 -10.80 12.89 -6.57
N VAL A 123 -10.38 12.63 -5.34
CA VAL A 123 -9.07 13.11 -4.85
C VAL A 123 -7.92 12.42 -5.59
N LYS A 124 -6.86 13.18 -5.84
CA LYS A 124 -5.67 12.66 -6.54
C LYS A 124 -4.93 11.66 -5.66
N VAL A 125 -4.58 10.52 -6.25
CA VAL A 125 -3.86 9.46 -5.52
C VAL A 125 -2.55 9.08 -6.18
N VAL A 126 -1.50 8.92 -5.37
CA VAL A 126 -0.19 8.49 -5.87
C VAL A 126 -0.03 7.06 -5.34
N TYR A 127 -0.18 6.09 -6.24
CA TYR A 127 -0.07 4.68 -5.86
C TYR A 127 1.24 4.10 -6.40
N VAL A 128 1.85 3.21 -5.61
CA VAL A 128 3.11 2.57 -6.03
C VAL A 128 3.01 1.06 -5.90
N ALA A 129 3.31 0.37 -7.00
CA ALA A 129 3.28 -1.09 -7.04
C ALA A 129 4.72 -1.60 -7.08
N ARG A 130 5.02 -2.56 -6.22
CA ARG A 130 6.36 -3.14 -6.14
C ARG A 130 6.33 -4.60 -6.57
N ASN A 131 7.51 -5.16 -6.89
CA ASN A 131 7.62 -6.56 -7.30
C ASN A 131 7.08 -7.42 -6.17
N PRO A 132 6.19 -8.37 -6.48
CA PRO A 132 5.57 -9.28 -5.52
C PRO A 132 6.59 -9.99 -4.64
N LYS A 133 7.61 -10.55 -5.28
CA LYS A 133 8.66 -11.30 -4.58
C LYS A 133 9.46 -10.47 -3.59
N ASP A 134 9.76 -9.23 -3.94
CA ASP A 134 10.52 -8.34 -3.03
C ASP A 134 9.65 -7.92 -1.85
N VAL A 135 8.36 -7.72 -2.10
CA VAL A 135 7.41 -7.32 -1.04
C VAL A 135 7.25 -8.45 -0.03
N ALA A 136 7.13 -9.68 -0.54
CA ALA A 136 6.96 -10.86 0.32
C ALA A 136 8.13 -11.02 1.28
N VAL A 137 9.34 -10.90 0.73
CA VAL A 137 10.57 -11.03 1.52
C VAL A 137 10.67 -9.93 2.58
N SER A 138 10.40 -8.69 2.18
CA SER A 138 10.45 -7.53 3.11
C SER A 138 9.36 -7.61 4.16
N TYR A 139 8.15 -7.99 3.75
CA TYR A 139 7.01 -8.11 4.66
C TYR A 139 7.28 -9.22 5.66
N TYR A 140 8.00 -10.25 5.22
CA TYR A 140 8.35 -11.38 6.10
C TYR A 140 9.23 -10.87 7.24
N HIS A 141 10.32 -10.20 6.89
CA HIS A 141 11.26 -9.65 7.88
C HIS A 141 10.58 -8.64 8.79
N PHE A 142 9.62 -7.91 8.24
CA PHE A 142 8.87 -6.91 9.02
C PHE A 142 8.02 -7.62 10.06
N HIS A 143 7.46 -8.76 9.68
CA HIS A 143 6.63 -9.56 10.59
C HIS A 143 7.46 -10.06 11.77
N ARG A 144 8.72 -10.36 11.52
CA ARG A 144 9.63 -10.84 12.57
C ARG A 144 10.00 -9.73 13.56
N MET A 145 10.25 -8.53 13.04
CA MET A 145 10.61 -7.36 13.86
C MET A 145 9.41 -6.80 14.61
N GLU A 146 8.28 -6.70 13.91
CA GLU A 146 7.05 -6.16 14.49
C GLU A 146 6.28 -7.21 15.28
N LYS A 147 6.48 -7.21 16.59
CA LYS A 147 5.85 -8.19 17.49
C LYS A 147 4.35 -8.06 17.72
N ALA A 148 3.70 -7.12 17.04
CA ALA A 148 2.25 -6.96 17.18
C ALA A 148 1.54 -7.65 16.01
N HIS A 149 2.35 -8.03 15.01
CA HIS A 149 1.85 -8.73 13.82
C HIS A 149 1.74 -10.21 14.14
N PRO A 150 0.91 -10.96 13.39
CA PRO A 150 0.79 -12.39 13.67
C PRO A 150 2.11 -13.11 13.40
N GLU A 151 2.31 -14.26 14.04
CA GLU A 151 3.53 -15.05 13.86
C GLU A 151 3.67 -15.50 12.40
N PRO A 152 4.72 -15.03 11.71
CA PRO A 152 4.97 -15.37 10.31
C PRO A 152 5.48 -16.81 10.12
N GLY A 153 6.09 -17.37 11.17
CA GLY A 153 6.61 -18.72 11.10
C GLY A 153 7.81 -18.79 10.18
N THR A 154 7.91 -19.89 9.43
CA THR A 154 9.03 -20.10 8.49
C THR A 154 8.78 -19.32 7.21
N TRP A 155 9.83 -19.09 6.45
CA TRP A 155 9.70 -18.36 5.18
C TRP A 155 8.72 -19.07 4.26
N ASP A 156 8.74 -20.39 4.29
CA ASP A 156 7.83 -21.18 3.45
C ASP A 156 6.39 -21.03 3.93
N SER A 157 6.19 -21.01 5.25
CA SER A 157 4.84 -20.85 5.83
C SER A 157 4.28 -19.49 5.45
N PHE A 158 5.11 -18.45 5.59
CA PHE A 158 4.70 -17.09 5.25
C PHE A 158 4.40 -16.93 3.77
N LEU A 159 5.34 -17.32 2.92
CA LEU A 159 5.15 -17.21 1.46
C LEU A 159 3.82 -17.81 1.04
N GLU A 160 3.42 -18.88 1.73
CA GLU A 160 2.16 -19.55 1.43
C GLU A 160 0.97 -18.65 1.77
N LYS A 161 1.07 -17.93 2.89
CA LYS A 161 0.01 -16.99 3.31
C LYS A 161 -0.07 -15.79 2.37
N PHE A 162 1.08 -15.24 2.03
CA PHE A 162 1.16 -14.09 1.13
C PHE A 162 0.43 -14.39 -0.17
N MET A 163 0.72 -15.56 -0.73
CA MET A 163 0.08 -16.00 -1.98
C MET A 163 -1.42 -16.19 -1.78
N ALA A 164 -1.81 -16.60 -0.57
CA ALA A 164 -3.22 -16.81 -0.24
C ALA A 164 -3.86 -15.53 0.27
N GLY A 165 -3.11 -14.43 0.25
CA GLY A 165 -3.60 -13.16 0.73
C GLY A 165 -3.99 -13.18 2.19
N GLU A 166 -3.53 -14.19 2.91
CA GLU A 166 -3.84 -14.33 4.33
C GLU A 166 -2.87 -13.54 5.20
N VAL A 167 -2.70 -12.27 4.86
CA VAL A 167 -1.79 -11.37 5.59
C VAL A 167 -2.46 -10.02 5.82
N SER A 168 -1.88 -9.22 6.72
CA SER A 168 -2.42 -7.89 7.04
C SER A 168 -2.51 -7.04 5.76
N TYR A 169 -3.70 -6.53 5.48
CA TYR A 169 -4.03 -5.71 4.30
C TYR A 169 -4.47 -6.54 3.12
N GLY A 170 -4.52 -7.86 3.34
CA GLY A 170 -4.98 -8.78 2.31
C GLY A 170 -4.06 -9.06 1.14
N SER A 171 -4.65 -9.64 0.10
CA SER A 171 -3.95 -10.01 -1.13
C SER A 171 -3.25 -8.86 -1.84
N TRP A 172 -1.99 -9.08 -2.17
CA TRP A 172 -1.18 -8.10 -2.88
C TRP A 172 -1.74 -7.99 -4.27
N TYR A 173 -2.13 -9.14 -4.81
CA TYR A 173 -2.70 -9.23 -6.17
C TYR A 173 -3.93 -8.35 -6.32
N GLN A 174 -4.89 -8.46 -5.40
CA GLN A 174 -6.11 -7.65 -5.47
C GLN A 174 -5.78 -6.18 -5.25
N HIS A 175 -5.04 -5.92 -4.18
CA HIS A 175 -4.63 -4.55 -3.82
C HIS A 175 -4.01 -3.84 -5.02
N VAL A 176 -3.09 -4.53 -5.68
CA VAL A 176 -2.38 -4.01 -6.85
C VAL A 176 -3.22 -3.90 -8.13
N GLN A 177 -4.09 -4.88 -8.35
CA GLN A 177 -4.95 -4.90 -9.55
C GLN A 177 -6.12 -3.92 -9.49
N GLU A 178 -6.77 -3.85 -8.33
CA GLU A 178 -7.93 -2.95 -8.16
C GLU A 178 -7.56 -1.49 -8.36
N TRP A 179 -6.43 -1.09 -7.81
CA TRP A 179 -5.97 0.30 -7.94
C TRP A 179 -5.52 0.57 -9.38
N TRP A 180 -5.21 -0.49 -10.11
CA TRP A 180 -4.80 -0.37 -11.52
C TRP A 180 -6.04 -0.08 -12.35
N GLU A 181 -7.11 -0.82 -12.08
CA GLU A 181 -8.37 -0.62 -12.81
C GLU A 181 -8.98 0.72 -12.45
N LEU A 182 -8.90 1.09 -11.18
CA LEU A 182 -9.44 2.37 -10.71
C LEU A 182 -8.73 3.53 -11.40
N SER A 183 -7.43 3.37 -11.66
CA SER A 183 -6.64 4.41 -12.32
C SER A 183 -7.12 4.73 -13.73
N ARG A 184 -7.93 3.84 -14.29
CA ARG A 184 -8.50 4.04 -15.64
C ARG A 184 -9.72 4.97 -15.58
N THR A 185 -10.31 5.09 -14.40
CA THR A 185 -11.52 5.93 -14.23
C THR A 185 -11.44 6.87 -13.03
N HIS A 186 -10.24 7.18 -12.58
CA HIS A 186 -10.07 8.03 -11.40
C HIS A 186 -8.67 8.67 -11.44
N PRO A 187 -8.50 9.88 -10.85
CA PRO A 187 -7.19 10.52 -10.88
C PRO A 187 -6.14 9.83 -9.98
N VAL A 188 -5.56 8.76 -10.51
CA VAL A 188 -4.55 7.97 -9.79
C VAL A 188 -3.26 7.92 -10.60
N LEU A 189 -2.15 8.26 -9.95
CA LEU A 189 -0.83 8.22 -10.59
C LEU A 189 -0.23 6.86 -10.25
N TYR A 190 -0.40 5.89 -11.15
CA TYR A 190 0.11 4.54 -10.90
C TYR A 190 1.60 4.42 -11.19
N LEU A 191 2.40 4.36 -10.12
CA LEU A 191 3.87 4.25 -10.23
C LEU A 191 4.38 2.86 -9.87
N PHE A 192 5.63 2.57 -10.23
CA PHE A 192 6.26 1.28 -9.92
C PHE A 192 7.52 1.52 -9.10
N TYR A 193 7.64 0.78 -8.01
CA TYR A 193 8.80 0.89 -7.08
C TYR A 193 10.15 0.78 -7.79
N GLU A 194 10.26 -0.16 -8.71
CA GLU A 194 11.51 -0.40 -9.46
C GLU A 194 12.00 0.87 -10.14
N ASP A 195 11.06 1.60 -10.74
CA ASP A 195 11.38 2.85 -11.46
C ASP A 195 11.84 3.97 -10.55
N MET A 196 11.48 3.90 -9.27
CA MET A 196 11.89 4.92 -8.29
C MET A 196 13.32 4.66 -7.83
N LYS A 197 13.73 3.39 -7.89
CA LYS A 197 15.09 2.98 -7.51
C LYS A 197 16.05 3.28 -8.67
N GLU A 198 15.68 2.78 -9.84
CA GLU A 198 16.48 2.94 -11.07
C GLU A 198 16.56 4.36 -11.62
N ASN A 199 15.55 5.18 -11.34
CA ASN A 199 15.54 6.58 -11.81
C ASN A 199 14.59 7.44 -10.98
N PRO A 200 15.09 7.94 -9.82
CA PRO A 200 14.30 8.78 -8.92
C PRO A 200 13.87 10.09 -9.57
N LYS A 201 14.76 10.67 -10.35
CA LYS A 201 14.51 11.96 -11.03
C LYS A 201 13.20 12.02 -11.84
N ARG A 202 13.13 11.23 -12.90
CA ARG A 202 11.94 11.23 -13.77
C ARG A 202 10.64 10.89 -13.05
N GLU A 203 10.72 10.10 -11.98
CA GLU A 203 9.54 9.72 -11.21
C GLU A 203 9.05 10.88 -10.35
N ILE A 204 9.97 11.67 -9.82
CA ILE A 204 9.63 12.84 -9.00
C ILE A 204 8.98 13.89 -9.91
N GLN A 205 9.36 13.86 -11.18
CA GLN A 205 8.81 14.79 -12.16
C GLN A 205 7.34 14.42 -12.40
N LYS A 206 7.08 13.13 -12.58
CA LYS A 206 5.71 12.64 -12.80
C LYS A 206 4.83 13.09 -11.63
N ILE A 207 5.35 12.91 -10.42
CA ILE A 207 4.63 13.29 -9.20
C ILE A 207 4.36 14.80 -9.17
N LEU A 208 5.35 15.58 -9.56
CA LEU A 208 5.22 17.05 -9.61
C LEU A 208 4.18 17.49 -10.63
N GLU A 209 4.24 16.89 -11.82
CA GLU A 209 3.29 17.21 -12.89
C GLU A 209 1.88 16.72 -12.57
N PHE A 210 1.78 15.78 -11.63
CA PHE A 210 0.48 15.25 -11.23
C PHE A 210 -0.20 16.15 -10.22
N VAL A 211 0.54 16.52 -9.17
CA VAL A 211 -0.01 17.40 -8.13
C VAL A 211 -0.05 18.85 -8.60
N GLY A 212 0.64 19.13 -9.70
CA GLY A 212 0.66 20.47 -10.27
C GLY A 212 1.63 21.46 -9.66
N ARG A 213 2.70 20.96 -9.05
CA ARG A 213 3.72 21.83 -8.43
C ARG A 213 5.08 21.66 -9.11
N SER A 214 6.04 22.53 -8.78
CA SER A 214 7.38 22.47 -9.41
C SER A 214 8.52 22.50 -8.38
N LEU A 215 9.67 21.96 -8.77
CA LEU A 215 10.86 21.89 -7.90
C LEU A 215 12.05 22.71 -8.42
N GLY A 262 16.07 -7.89 -7.81
CA GLY A 262 16.42 -9.26 -7.50
C GLY A 262 17.08 -9.55 -6.15
N ASP A 263 16.71 -8.83 -5.09
CA ASP A 263 17.29 -9.12 -3.77
C ASP A 263 16.58 -10.33 -3.17
N TRP A 264 15.40 -10.61 -3.72
CA TRP A 264 14.55 -11.74 -3.29
C TRP A 264 15.11 -13.09 -3.71
N LYS A 265 15.93 -13.08 -4.77
CA LYS A 265 16.55 -14.30 -5.31
C LYS A 265 17.36 -15.09 -4.30
N THR A 266 17.92 -14.40 -3.31
CA THR A 266 18.72 -15.06 -2.28
C THR A 266 17.84 -15.66 -1.19
N THR A 267 16.53 -15.50 -1.35
CA THR A 267 15.57 -16.02 -0.37
C THR A 267 14.66 -17.09 -0.97
N PHE A 268 14.16 -16.82 -2.18
CA PHE A 268 13.28 -17.76 -2.88
C PHE A 268 14.02 -18.97 -3.42
N THR A 269 13.49 -20.15 -3.11
CA THR A 269 14.09 -21.40 -3.61
C THR A 269 13.48 -21.57 -5.00
N VAL A 270 14.09 -22.39 -5.84
CA VAL A 270 13.58 -22.60 -7.19
C VAL A 270 12.19 -23.24 -7.16
N ALA A 271 11.94 -24.02 -6.11
CA ALA A 271 10.64 -24.68 -5.95
C ALA A 271 9.60 -23.59 -5.64
N GLN A 272 9.92 -22.75 -4.67
CA GLN A 272 9.03 -21.65 -4.25
C GLN A 272 8.78 -20.68 -5.39
N ASN A 273 9.84 -20.37 -6.13
CA ASN A 273 9.74 -19.44 -7.26
C ASN A 273 8.87 -19.96 -8.39
N GLU A 274 8.96 -21.24 -8.68
CA GLU A 274 8.17 -21.85 -9.76
C GLU A 274 6.69 -21.91 -9.36
N ARG A 275 6.44 -22.24 -8.09
CA ARG A 275 5.06 -22.31 -7.57
C ARG A 275 4.45 -20.91 -7.56
N PHE A 276 5.28 -19.91 -7.29
CA PHE A 276 4.83 -18.52 -7.25
C PHE A 276 4.49 -18.02 -8.64
N ASP A 277 5.41 -18.25 -9.59
CA ASP A 277 5.22 -17.81 -10.97
C ASP A 277 4.00 -18.43 -11.63
N ALA A 278 3.71 -19.69 -11.30
CA ALA A 278 2.54 -20.39 -11.87
C ALA A 278 1.26 -19.80 -11.30
N ASP A 279 1.28 -19.56 -9.99
CA ASP A 279 0.14 -18.97 -9.28
C ASP A 279 -0.07 -17.53 -9.73
N TYR A 280 1.04 -16.83 -9.95
CA TYR A 280 0.99 -15.45 -10.42
C TYR A 280 0.45 -15.38 -11.83
N ALA A 281 0.90 -16.30 -12.69
CA ALA A 281 0.46 -16.33 -14.09
C ALA A 281 -1.05 -16.42 -14.24
N GLU A 282 -1.71 -17.14 -13.34
CA GLU A 282 -3.17 -17.28 -13.41
C GLU A 282 -3.99 -16.17 -12.75
N LYS A 283 -3.54 -15.68 -11.60
CA LYS A 283 -4.26 -14.60 -10.91
C LYS A 283 -4.17 -13.30 -11.69
N MET A 284 -3.04 -13.11 -12.36
CA MET A 284 -2.80 -11.91 -13.17
C MET A 284 -3.32 -12.08 -14.59
N ALA A 285 -3.98 -13.20 -14.85
CA ALA A 285 -4.56 -13.46 -16.18
C ALA A 285 -5.62 -12.40 -16.44
N GLY A 286 -5.46 -11.67 -17.54
CA GLY A 286 -6.40 -10.62 -17.86
C GLY A 286 -6.20 -9.44 -16.94
N CYS A 287 -5.08 -8.76 -17.10
CA CYS A 287 -4.72 -7.59 -16.30
C CYS A 287 -3.45 -7.00 -16.91
N SER A 288 -3.61 -5.88 -17.61
CA SER A 288 -2.51 -5.20 -18.30
C SER A 288 -1.24 -4.88 -17.50
N LEU A 289 -1.25 -5.14 -16.20
CA LEU A 289 -0.07 -4.88 -15.36
C LEU A 289 1.17 -5.63 -15.85
N SER A 290 2.30 -4.94 -15.82
CA SER A 290 3.57 -5.52 -16.28
C SER A 290 4.73 -4.94 -15.48
N PHE A 291 5.48 -5.83 -14.82
CA PHE A 291 6.63 -5.44 -13.98
C PHE A 291 7.96 -5.86 -14.61
N ARG A 292 8.30 -5.27 -15.77
CA ARG A 292 9.56 -5.58 -16.49
C ARG A 292 10.78 -5.67 -15.55
N SER A 293 11.67 -6.63 -15.82
CA SER A 293 12.84 -6.87 -14.97
C SER A 293 14.21 -6.40 -15.45
#